data_7SIY
#
_entry.id   7SIY
#
_cell.length_a   123.519
_cell.length_b   123.519
_cell.length_c   56.598
_cell.angle_alpha   90.000
_cell.angle_beta   90.000
_cell.angle_gamma   120.000
#
_symmetry.space_group_name_H-M   'P 6'
#
loop_
_entity.id
_entity.type
_entity.pdbx_description
1 polymer 'E3 ubiquitin-protein ligase CBL'
2 polymer 'Peptide from Tyrosine-protein kinase ZAP-70'
3 non-polymer 'MAGNESIUM ION'
4 water water
#
loop_
_entity_poly.entity_id
_entity_poly.type
_entity_poly.pdbx_seq_one_letter_code
_entity_poly.pdbx_strand_id
1 'polypeptide(L)'
;PGTVDKKMVEKCWKLMDKVVRLCQNPKLALKNSPPYILDLLPDTYQHLRTILSRYEGKMETLGENEYFRVFMENLMKKTK
QTISLFKEGKERMYEENSQPRRNLTKLSLIFSHMLAELKGIFPSGLFQGDTFRITKADAAEFWRKAFGEKTIVPWKSFRQ
ALHEVHPISSGLEAMALKSTIDLTCNDYISVFEFDIFTRLFQPWSSLLRNWNSLAVTHPGYMAFLTYDEVKARLQKFIHK
PGSYIFRLSCTRLGQWAIGYVTADGNILQTIPHNKPLFQALIDGFREGFYLFPDGRNQNPDLTG
;
A
2 'polypeptide(L)' (ACE)(PTR)TPEP(NH2) Z
#
loop_
_chem_comp.id
_chem_comp.type
_chem_comp.name
_chem_comp.formula
ACE non-polymer 'ACETYL GROUP' 'C2 H4 O'
MG non-polymer 'MAGNESIUM ION' 'Mg 2'
NH2 non-polymer 'AMINO GROUP' 'H2 N'
#
# COMPACT_ATOMS: atom_id res chain seq x y z
N PRO A 1 -17.74 -12.17 -6.94
CA PRO A 1 -18.21 -10.81 -7.23
C PRO A 1 -19.18 -10.78 -8.41
N GLY A 2 -20.34 -10.17 -8.21
CA GLY A 2 -21.37 -10.13 -9.23
C GLY A 2 -21.01 -9.21 -10.39
N THR A 3 -21.91 -9.18 -11.36
CA THR A 3 -21.69 -8.40 -12.58
C THR A 3 -21.84 -6.91 -12.28
N VAL A 4 -20.91 -6.12 -12.78
CA VAL A 4 -20.90 -4.67 -12.56
C VAL A 4 -21.62 -4.00 -13.73
N ASP A 5 -22.71 -3.30 -13.42
CA ASP A 5 -23.41 -2.49 -14.40
C ASP A 5 -23.30 -1.01 -14.03
N LYS A 6 -23.85 -0.15 -14.89
CA LYS A 6 -23.76 1.29 -14.67
C LYS A 6 -24.43 1.70 -13.35
N LYS A 7 -25.51 1.02 -12.98
CA LYS A 7 -26.20 1.34 -11.73
C LYS A 7 -25.30 1.07 -10.52
N MET A 8 -24.46 0.04 -10.59
CA MET A 8 -23.61 -0.29 -9.45
C MET A 8 -22.50 0.74 -9.27
N VAL A 9 -21.98 1.29 -10.36
CA VAL A 9 -20.97 2.34 -10.24
C VAL A 9 -21.59 3.62 -9.70
N GLU A 10 -22.85 3.89 -10.05
CA GLU A 10 -23.54 5.06 -9.51
C GLU A 10 -23.83 4.90 -8.03
N LYS A 11 -24.06 3.67 -7.57
CA LYS A 11 -24.25 3.43 -6.14
C LYS A 11 -22.96 3.68 -5.36
N CYS A 12 -21.82 3.27 -5.92
CA CYS A 12 -20.55 3.55 -5.28
C CYS A 12 -20.25 5.05 -5.25
N TRP A 13 -20.57 5.75 -6.33
CA TRP A 13 -20.38 7.20 -6.36
C TRP A 13 -21.16 7.88 -5.24
N LYS A 14 -22.38 7.39 -4.95
CA LYS A 14 -23.16 7.96 -3.86
C LYS A 14 -22.53 7.68 -2.51
N LEU A 15 -22.00 6.46 -2.33
CA LEU A 15 -21.34 6.12 -1.06
C LEU A 15 -20.05 6.92 -0.88
N MET A 16 -19.26 7.05 -1.94
CA MET A 16 -18.05 7.87 -1.88
C MET A 16 -18.40 9.32 -1.59
N ASP A 17 -19.53 9.79 -2.12
CA ASP A 17 -19.98 11.15 -1.85
C ASP A 17 -20.27 11.35 -0.37
N LYS A 18 -20.80 10.31 0.29
CA LYS A 18 -21.06 10.42 1.72
C LYS A 18 -19.75 10.44 2.52
N VAL A 19 -18.75 9.69 2.07
CA VAL A 19 -17.46 9.67 2.76
C VAL A 19 -16.77 11.02 2.62
N VAL A 20 -16.81 11.62 1.43
CA VAL A 20 -16.22 12.94 1.22
C VAL A 20 -16.82 13.95 2.19
N ARG A 21 -18.16 13.94 2.31
CA ARG A 21 -18.83 14.88 3.21
C ARG A 21 -18.41 14.66 4.66
N LEU A 22 -18.29 13.40 5.07
CA LEU A 22 -17.83 13.10 6.43
C LEU A 22 -16.43 13.63 6.67
N CYS A 23 -15.58 13.56 5.66
CA CYS A 23 -14.18 13.96 5.79
C CYS A 23 -13.95 15.46 5.57
N GLN A 24 -15.01 16.22 5.30
CA GLN A 24 -14.90 17.68 5.23
C GLN A 24 -15.15 18.35 6.57
N ASN A 25 -15.39 17.56 7.62
CA ASN A 25 -15.62 18.09 8.95
C ASN A 25 -14.37 18.82 9.42
N PRO A 26 -14.45 20.11 9.78
CA PRO A 26 -13.25 20.82 10.22
C PRO A 26 -12.64 20.27 11.50
N LYS A 27 -13.39 19.50 12.30
CA LYS A 27 -12.83 18.90 13.49
C LYS A 27 -11.71 17.92 13.18
N LEU A 28 -11.66 17.38 11.96
CA LEU A 28 -10.64 16.39 11.62
C LEU A 28 -9.27 17.03 11.44
N ALA A 29 -9.22 18.31 11.06
CA ALA A 29 -7.96 18.99 10.74
C ALA A 29 -7.15 18.21 9.71
N LEU A 30 -7.85 17.64 8.72
CA LEU A 30 -7.20 16.81 7.71
C LEU A 30 -6.14 17.60 6.95
N LYS A 31 -4.93 17.07 6.94
CA LYS A 31 -3.85 17.71 6.21
C LYS A 31 -3.91 17.32 4.73
N ASN A 32 -3.67 18.32 3.88
CA ASN A 32 -3.63 18.14 2.42
C ASN A 32 -2.26 17.58 2.06
N SER A 33 -2.12 16.26 2.21
CA SER A 33 -0.88 15.56 1.88
C SER A 33 -1.21 14.09 1.65
N PRO A 34 -0.51 13.43 0.73
CA PRO A 34 -0.86 12.04 0.37
C PRO A 34 -0.63 11.08 1.53
N PRO A 35 -1.57 10.17 1.81
CA PRO A 35 -2.86 10.02 1.12
C PRO A 35 -3.91 10.98 1.67
N TYR A 36 -4.58 11.67 0.76
CA TYR A 36 -5.57 12.70 1.10
C TYR A 36 -6.90 12.21 0.56
N ILE A 37 -7.77 11.76 1.46
CA ILE A 37 -9.03 11.15 1.05
C ILE A 37 -9.88 12.10 0.23
N LEU A 38 -9.76 13.41 0.47
CA LEU A 38 -10.56 14.38 -0.27
C LEU A 38 -10.10 14.55 -1.72
N ASP A 39 -8.89 14.11 -2.04
CA ASP A 39 -8.43 14.01 -3.43
C ASP A 39 -8.65 12.62 -4.02
N LEU A 40 -8.46 11.58 -3.22
CA LEU A 40 -8.48 10.21 -3.74
C LEU A 40 -9.86 9.80 -4.23
N LEU A 41 -10.91 10.14 -3.46
CA LEU A 41 -12.25 9.72 -3.86
C LEU A 41 -12.73 10.43 -5.12
N PRO A 42 -12.64 11.76 -5.24
CA PRO A 42 -12.98 12.39 -6.53
C PRO A 42 -12.11 11.89 -7.68
N ASP A 43 -10.83 11.62 -7.43
CA ASP A 43 -9.97 11.08 -8.49
C ASP A 43 -10.36 9.67 -8.87
N THR A 44 -10.82 8.87 -7.90
CA THR A 44 -11.32 7.53 -8.24
C THR A 44 -12.58 7.62 -9.07
N TYR A 45 -13.51 8.51 -8.69
CA TYR A 45 -14.70 8.75 -9.49
C TYR A 45 -14.34 9.13 -10.93
N GLN A 46 -13.35 10.01 -11.09
CA GLN A 46 -12.98 10.45 -12.43
C GLN A 46 -12.38 9.33 -13.26
N HIS A 47 -11.58 8.47 -12.64
CA HIS A 47 -11.02 7.35 -13.40
C HIS A 47 -12.08 6.32 -13.76
N LEU A 48 -13.02 6.07 -12.84
CA LEU A 48 -14.15 5.21 -13.18
C LEU A 48 -15.00 5.84 -14.28
N ARG A 49 -15.15 7.16 -14.25
CA ARG A 49 -15.82 7.88 -15.33
C ARG A 49 -15.08 7.68 -16.65
N THR A 50 -13.75 7.68 -16.60
CA THR A 50 -12.95 7.43 -17.80
C THR A 50 -13.13 6.00 -18.30
N ILE A 51 -13.08 5.03 -17.39
CA ILE A 51 -13.27 3.63 -17.78
C ILE A 51 -14.63 3.45 -18.46
N LEU A 52 -15.69 3.97 -17.84
CA LEU A 52 -17.01 3.85 -18.42
C LEU A 52 -17.09 4.48 -19.82
N SER A 53 -16.36 5.57 -20.03
CA SER A 53 -16.41 6.24 -21.33
C SER A 53 -15.71 5.43 -22.41
N ARG A 54 -14.70 4.63 -22.04
CA ARG A 54 -14.03 3.78 -23.03
C ARG A 54 -14.85 2.55 -23.38
N TYR A 55 -15.85 2.19 -22.56
CA TYR A 55 -16.64 0.99 -22.77
C TYR A 55 -18.08 1.29 -23.16
N GLU A 56 -18.35 2.48 -23.70
CA GLU A 56 -19.66 2.77 -24.24
C GLU A 56 -19.92 1.85 -25.44
N GLY A 57 -21.08 1.18 -25.41
CA GLY A 57 -21.41 0.22 -26.44
C GLY A 57 -20.80 -1.16 -26.24
N LYS A 58 -19.94 -1.33 -25.24
CA LYS A 58 -19.35 -2.63 -24.92
C LYS A 58 -19.31 -2.83 -23.41
N MET A 59 -20.38 -2.42 -22.73
CA MET A 59 -20.47 -2.57 -21.29
C MET A 59 -20.53 -4.04 -20.86
N GLU A 60 -20.93 -4.94 -21.76
CA GLU A 60 -20.95 -6.35 -21.42
C GLU A 60 -19.53 -6.89 -21.22
N THR A 61 -18.58 -6.41 -22.01
CA THR A 61 -17.19 -6.78 -21.83
C THR A 61 -16.67 -6.30 -20.47
N LEU A 62 -16.93 -5.04 -20.14
CA LEU A 62 -16.46 -4.49 -18.88
C LEU A 62 -17.09 -5.21 -17.69
N GLY A 63 -18.39 -5.48 -17.77
CA GLY A 63 -19.08 -6.12 -16.65
C GLY A 63 -18.56 -7.51 -16.34
N GLU A 64 -18.08 -8.23 -17.36
CA GLU A 64 -17.59 -9.59 -17.18
C GLU A 64 -16.15 -9.65 -16.70
N ASN A 65 -15.41 -8.54 -16.75
CA ASN A 65 -13.99 -8.54 -16.37
C ASN A 65 -13.85 -8.87 -14.89
N GLU A 66 -13.09 -9.93 -14.58
CA GLU A 66 -13.01 -10.40 -13.20
C GLU A 66 -12.34 -9.36 -12.30
N TYR A 67 -11.25 -8.75 -12.77
CA TYR A 67 -10.57 -7.75 -11.94
C TYR A 67 -11.52 -6.60 -11.60
N PHE A 68 -12.24 -6.10 -12.60
CA PHE A 68 -13.12 -4.96 -12.36
C PHE A 68 -14.26 -5.33 -11.42
N ARG A 69 -14.77 -6.56 -11.49
CA ARG A 69 -15.78 -6.99 -10.54
C ARG A 69 -15.24 -7.04 -9.11
N VAL A 70 -14.03 -7.60 -8.95
CA VAL A 70 -13.41 -7.63 -7.63
C VAL A 70 -13.13 -6.21 -7.13
N PHE A 71 -12.70 -5.32 -8.04
CA PHE A 71 -12.36 -3.96 -7.62
C PHE A 71 -13.60 -3.22 -7.12
N MET A 72 -14.69 -3.26 -7.90
CA MET A 72 -15.91 -2.56 -7.51
C MET A 72 -16.50 -3.15 -6.23
N GLU A 73 -16.42 -4.46 -6.07
CA GLU A 73 -16.87 -5.07 -4.82
C GLU A 73 -16.08 -4.52 -3.64
N ASN A 74 -14.76 -4.43 -3.79
CA ASN A 74 -13.92 -3.91 -2.71
C ASN A 74 -14.16 -2.44 -2.48
N LEU A 75 -14.39 -1.67 -3.55
CA LEU A 75 -14.64 -0.24 -3.39
C LEU A 75 -15.92 0.00 -2.60
N MET A 76 -16.98 -0.77 -2.88
CA MET A 76 -18.21 -0.61 -2.13
C MET A 76 -18.02 -1.01 -0.67
N LYS A 77 -17.28 -2.10 -0.41
CA LYS A 77 -17.05 -2.54 0.96
C LYS A 77 -16.24 -1.52 1.73
N LYS A 78 -15.22 -0.94 1.10
CA LYS A 78 -14.33 -0.02 1.81
C LYS A 78 -15.02 1.30 2.13
N THR A 79 -15.88 1.79 1.22
CA THR A 79 -16.62 3.01 1.49
C THR A 79 -17.67 2.78 2.59
N LYS A 80 -18.37 1.64 2.52
CA LYS A 80 -19.31 1.31 3.59
C LYS A 80 -18.60 1.20 4.93
N GLN A 81 -17.39 0.63 4.94
CA GLN A 81 -16.64 0.49 6.18
C GLN A 81 -16.21 1.84 6.73
N THR A 82 -15.90 2.80 5.86
CA THR A 82 -15.54 4.13 6.30
C THR A 82 -16.76 4.86 6.88
N ILE A 83 -17.92 4.67 6.26
CA ILE A 83 -19.16 5.27 6.78
C ILE A 83 -19.49 4.70 8.15
N SER A 84 -19.35 3.38 8.32
CA SER A 84 -19.63 2.77 9.61
C SER A 84 -18.63 3.23 10.66
N LEU A 85 -17.37 3.45 10.25
CA LEU A 85 -16.35 3.90 11.18
C LEU A 85 -16.73 5.25 11.79
N PHE A 86 -17.18 6.19 10.97
CA PHE A 86 -17.63 7.48 11.48
C PHE A 86 -18.85 7.32 12.37
N LYS A 87 -19.77 6.44 12.00
CA LYS A 87 -21.01 6.25 12.75
C LYS A 87 -20.74 5.72 14.14
N GLU A 88 -19.78 4.80 14.27
CA GLU A 88 -19.45 4.20 15.56
C GLU A 88 -18.39 4.99 16.33
N GLY A 89 -17.45 5.60 15.63
CA GLY A 89 -16.39 6.34 16.32
C GLY A 89 -16.87 7.61 16.96
N LYS A 90 -17.90 8.25 16.40
CA LYS A 90 -18.51 9.46 16.94
C LYS A 90 -17.48 10.55 17.18
N GLU A 91 -17.33 11.02 18.42
CA GLU A 91 -16.36 12.07 18.71
C GLU A 91 -14.92 11.58 18.74
N ARG A 92 -14.69 10.27 18.80
CA ARG A 92 -13.33 9.75 18.81
C ARG A 92 -12.65 9.85 17.44
N MET A 93 -13.41 10.16 16.38
CA MET A 93 -12.80 10.41 15.07
C MET A 93 -11.91 11.64 15.08
N TYR A 94 -12.09 12.54 16.04
CA TYR A 94 -11.39 13.82 16.07
C TYR A 94 -10.26 13.85 17.09
N GLU A 95 -10.11 12.81 17.90
CA GLU A 95 -8.95 12.65 18.75
C GLU A 95 -7.83 12.02 17.92
N GLU A 96 -6.72 12.74 17.79
CA GLU A 96 -5.73 12.40 16.76
C GLU A 96 -5.00 11.09 17.02
N ASN A 97 -4.98 10.60 18.25
CA ASN A 97 -4.29 9.35 18.56
C ASN A 97 -5.24 8.19 18.82
N SER A 98 -6.53 8.36 18.55
CA SER A 98 -7.49 7.31 18.84
C SER A 98 -7.43 6.19 17.81
N GLN A 99 -7.88 5.01 18.21
CA GLN A 99 -7.96 3.89 17.29
C GLN A 99 -8.91 4.15 16.14
N PRO A 100 -10.12 4.70 16.32
CA PRO A 100 -10.96 5.01 15.16
C PRO A 100 -10.31 5.97 14.17
N ARG A 101 -9.54 6.95 14.65
CA ARG A 101 -8.85 7.84 13.72
C ARG A 101 -7.74 7.12 12.96
N ARG A 102 -6.98 6.28 13.65
CA ARG A 102 -5.98 5.46 12.99
C ARG A 102 -6.61 4.56 11.93
N ASN A 103 -7.80 4.02 12.22
CA ASN A 103 -8.49 3.21 11.21
C ASN A 103 -8.83 4.02 9.98
N LEU A 104 -9.21 5.29 10.15
CA LEU A 104 -9.47 6.17 9.01
C LEU A 104 -8.20 6.41 8.21
N THR A 105 -7.07 6.61 8.89
CA THR A 105 -5.81 6.82 8.19
C THR A 105 -5.42 5.59 7.38
N LYS A 106 -5.54 4.39 7.97
CA LYS A 106 -5.24 3.18 7.20
C LYS A 106 -6.17 3.05 5.99
N LEU A 107 -7.45 3.35 6.16
CA LEU A 107 -8.38 3.30 5.04
C LEU A 107 -7.98 4.29 3.95
N SER A 108 -7.51 5.47 4.34
CA SER A 108 -7.05 6.44 3.35
C SER A 108 -5.90 5.90 2.52
N LEU A 109 -4.97 5.20 3.17
CA LEU A 109 -3.90 4.52 2.46
C LEU A 109 -4.45 3.47 1.51
N ILE A 110 -5.45 2.71 1.96
CA ILE A 110 -6.03 1.66 1.11
C ILE A 110 -6.69 2.26 -0.12
N PHE A 111 -7.41 3.38 0.05
CA PHE A 111 -7.98 4.05 -1.12
C PHE A 111 -6.89 4.50 -2.09
N SER A 112 -5.74 4.94 -1.57
CA SER A 112 -4.63 5.36 -2.43
C SER A 112 -4.06 4.17 -3.18
N HIS A 113 -3.86 3.04 -2.49
CA HIS A 113 -3.36 1.83 -3.14
C HIS A 113 -4.35 1.32 -4.18
N MET A 114 -5.65 1.41 -3.88
CA MET A 114 -6.67 0.96 -4.82
C MET A 114 -6.68 1.79 -6.09
N LEU A 115 -6.59 3.12 -5.95
CA LEU A 115 -6.55 3.97 -7.12
C LEU A 115 -5.30 3.69 -7.95
N ALA A 116 -4.16 3.52 -7.30
CA ALA A 116 -2.93 3.21 -8.02
C ALA A 116 -3.06 1.91 -8.79
N GLU A 117 -3.67 0.89 -8.16
CA GLU A 117 -3.88 -0.38 -8.84
C GLU A 117 -4.82 -0.21 -10.03
N LEU A 118 -5.94 0.49 -9.84
CA LEU A 118 -6.89 0.70 -10.92
C LEU A 118 -6.25 1.41 -12.11
N LYS A 119 -5.39 2.41 -11.84
CA LYS A 119 -4.71 3.09 -12.94
C LYS A 119 -3.64 2.23 -13.59
N GLY A 120 -3.02 1.33 -12.81
CA GLY A 120 -2.05 0.42 -13.41
C GLY A 120 -2.68 -0.61 -14.31
N ILE A 121 -3.92 -1.01 -14.01
CA ILE A 121 -4.60 -2.04 -14.80
C ILE A 121 -5.42 -1.45 -15.95
N PHE A 122 -5.99 -0.25 -15.76
CA PHE A 122 -6.76 0.47 -16.77
C PHE A 122 -6.07 1.80 -17.04
N PRO A 123 -4.87 1.79 -17.64
CA PRO A 123 -4.08 3.04 -17.70
C PRO A 123 -4.76 4.20 -18.41
N SER A 124 -5.50 3.94 -19.48
CA SER A 124 -6.22 4.99 -20.19
C SER A 124 -7.72 4.70 -20.25
N GLY A 125 -8.24 3.99 -19.26
CA GLY A 125 -9.62 3.60 -19.24
C GLY A 125 -9.91 2.24 -19.84
N LEU A 126 -8.94 1.63 -20.54
CA LEU A 126 -9.11 0.33 -21.17
C LEU A 126 -8.30 -0.72 -20.42
N PHE A 127 -8.89 -1.92 -20.30
CA PHE A 127 -8.24 -2.98 -19.54
C PHE A 127 -6.96 -3.45 -20.22
N GLN A 128 -5.86 -3.40 -19.48
CA GLN A 128 -4.55 -3.85 -19.95
C GLN A 128 -3.87 -4.76 -18.93
N GLY A 129 -4.67 -5.42 -18.09
CA GLY A 129 -4.10 -6.25 -17.04
C GLY A 129 -3.29 -7.43 -17.59
N ASP A 130 -3.72 -7.98 -18.71
CA ASP A 130 -3.02 -9.12 -19.29
C ASP A 130 -1.63 -8.78 -19.81
N THR A 131 -1.35 -7.50 -20.04
CA THR A 131 -0.03 -7.07 -20.52
C THR A 131 0.71 -6.20 -19.51
N PHE A 132 0.31 -6.27 -18.24
CA PHE A 132 0.99 -5.53 -17.19
C PHE A 132 2.45 -5.96 -17.11
N ARG A 133 3.34 -5.01 -16.86
CA ARG A 133 4.78 -5.26 -16.80
C ARG A 133 5.22 -5.43 -15.34
N ILE A 134 5.44 -6.68 -14.94
CA ILE A 134 6.15 -6.96 -13.68
C ILE A 134 7.60 -6.54 -13.85
N THR A 135 8.08 -5.71 -12.92
CA THR A 135 9.31 -4.96 -13.12
C THR A 135 10.59 -5.76 -12.88
N LYS A 136 10.53 -6.89 -12.18
CA LYS A 136 11.67 -7.76 -12.00
C LYS A 136 11.47 -9.02 -12.83
N ALA A 137 12.48 -9.37 -13.64
CA ALA A 137 12.36 -10.46 -14.62
C ALA A 137 12.03 -11.80 -13.95
N ASP A 138 12.70 -12.11 -12.84
CA ASP A 138 12.46 -13.39 -12.18
C ASP A 138 11.05 -13.49 -11.62
N ALA A 139 10.56 -12.38 -11.02
CA ALA A 139 9.19 -12.37 -10.52
C ALA A 139 8.19 -12.48 -11.67
N ALA A 140 8.49 -11.83 -12.80
CA ALA A 140 7.60 -11.91 -13.95
C ALA A 140 7.52 -13.35 -14.46
N GLU A 141 8.64 -14.06 -14.44
CA GLU A 141 8.66 -15.46 -14.87
C GLU A 141 7.84 -16.33 -13.95
N PHE A 142 7.86 -16.05 -12.64
CA PHE A 142 7.06 -16.81 -11.69
C PHE A 142 5.57 -16.65 -11.97
N TRP A 143 5.12 -15.40 -12.12
CA TRP A 143 3.70 -15.16 -12.36
C TRP A 143 3.24 -15.78 -13.66
N ARG A 144 4.06 -15.65 -14.72
CA ARG A 144 3.70 -16.23 -16.00
C ARG A 144 3.57 -17.75 -15.91
N LYS A 145 4.52 -18.40 -15.23
CA LYS A 145 4.46 -19.85 -15.13
C LYS A 145 3.29 -20.31 -14.27
N ALA A 146 3.00 -19.59 -13.18
CA ALA A 146 1.97 -20.03 -12.25
C ALA A 146 0.57 -19.62 -12.70
N PHE A 147 0.43 -18.42 -13.28
CA PHE A 147 -0.88 -17.83 -13.55
C PHE A 147 -1.06 -17.33 -14.98
N GLY A 148 -0.09 -17.54 -15.86
CA GLY A 148 -0.24 -17.06 -17.23
C GLY A 148 -0.39 -15.56 -17.30
N GLU A 149 -1.48 -15.11 -17.92
CA GLU A 149 -1.77 -13.69 -18.11
C GLU A 149 -2.88 -13.18 -17.21
N LYS A 150 -3.24 -13.94 -16.16
CA LYS A 150 -4.27 -13.48 -15.24
C LYS A 150 -3.85 -12.19 -14.56
N THR A 151 -4.84 -11.37 -14.23
CA THR A 151 -4.61 -10.10 -13.52
C THR A 151 -4.80 -10.22 -12.02
N ILE A 152 -5.66 -11.13 -11.55
CA ILE A 152 -5.96 -11.21 -10.13
C ILE A 152 -6.24 -12.66 -9.76
N VAL A 153 -5.76 -13.07 -8.58
CA VAL A 153 -5.98 -14.44 -8.11
C VAL A 153 -6.28 -14.41 -6.62
N PRO A 154 -7.12 -15.34 -6.16
CA PRO A 154 -7.41 -15.42 -4.74
C PRO A 154 -6.15 -15.70 -3.93
N TRP A 155 -6.13 -15.17 -2.69
CA TRP A 155 -4.98 -15.38 -1.81
C TRP A 155 -4.57 -16.85 -1.73
N LYS A 156 -5.55 -17.74 -1.57
CA LYS A 156 -5.24 -19.17 -1.42
C LYS A 156 -4.45 -19.70 -2.61
N SER A 157 -4.89 -19.38 -3.82
CA SER A 157 -4.17 -19.80 -5.02
C SER A 157 -2.76 -19.23 -5.04
N PHE A 158 -2.62 -17.96 -4.65
CA PHE A 158 -1.30 -17.34 -4.66
C PHE A 158 -0.36 -17.99 -3.64
N ARG A 159 -0.84 -18.17 -2.41
CA ARG A 159 0.00 -18.79 -1.38
C ARG A 159 0.49 -20.15 -1.81
N GLN A 160 -0.40 -20.97 -2.38
CA GLN A 160 -0.02 -22.31 -2.81
C GLN A 160 1.05 -22.24 -3.88
N ALA A 161 0.87 -21.37 -4.88
CA ALA A 161 1.85 -21.27 -5.95
C ALA A 161 3.19 -20.75 -5.44
N LEU A 162 3.17 -19.77 -4.54
CA LEU A 162 4.42 -19.23 -4.03
C LEU A 162 5.15 -20.27 -3.19
N HIS A 163 4.41 -20.98 -2.35
CA HIS A 163 5.01 -21.96 -1.46
C HIS A 163 5.80 -23.02 -2.22
N GLU A 164 5.40 -23.33 -3.45
CA GLU A 164 6.13 -24.35 -4.22
C GLU A 164 7.52 -23.88 -4.63
N VAL A 165 7.75 -22.57 -4.67
CA VAL A 165 9.04 -22.01 -5.05
C VAL A 165 9.76 -21.41 -3.85
N HIS A 166 9.04 -20.68 -3.01
CA HIS A 166 9.58 -20.06 -1.80
C HIS A 166 8.78 -20.61 -0.63
N PRO A 167 9.22 -21.71 0.00
CA PRO A 167 8.41 -22.31 1.07
C PRO A 167 8.12 -21.33 2.20
N ILE A 168 6.88 -21.37 2.67
CA ILE A 168 6.39 -20.57 3.78
C ILE A 168 6.34 -21.48 4.99
N SER A 169 6.99 -21.06 6.08
CA SER A 169 7.27 -22.02 7.16
C SER A 169 6.07 -22.28 8.06
N SER A 170 5.03 -21.45 8.06
CA SER A 170 3.99 -21.62 9.07
C SER A 170 2.75 -20.84 8.67
N GLY A 171 1.63 -21.16 9.34
CA GLY A 171 0.41 -20.42 9.13
C GLY A 171 0.50 -18.97 9.58
N LEU A 172 1.18 -18.72 10.70
CA LEU A 172 1.36 -17.33 11.14
C LEU A 172 2.22 -16.53 10.18
N GLU A 173 3.25 -17.17 9.61
CA GLU A 173 4.07 -16.49 8.61
C GLU A 173 3.26 -16.18 7.35
N ALA A 174 2.35 -17.09 6.97
CA ALA A 174 1.52 -16.84 5.79
C ALA A 174 0.57 -15.68 6.03
N MET A 175 0.07 -15.54 7.27
CA MET A 175 -0.80 -14.41 7.57
C MET A 175 -0.03 -13.10 7.58
N ALA A 176 1.23 -13.12 8.05
CA ALA A 176 2.05 -11.91 7.99
C ALA A 176 2.37 -11.53 6.55
N LEU A 177 2.60 -12.55 5.71
CA LEU A 177 2.86 -12.29 4.29
C LEU A 177 1.64 -11.67 3.62
N LYS A 178 0.47 -12.29 3.82
CA LYS A 178 -0.78 -11.76 3.28
C LYS A 178 -0.98 -10.30 3.68
N SER A 179 -0.79 -9.99 4.96
CA SER A 179 -1.00 -8.63 5.42
C SER A 179 -0.04 -7.66 4.73
N THR A 180 1.14 -8.14 4.32
CA THR A 180 2.12 -7.27 3.65
C THR A 180 1.79 -7.07 2.17
N ILE A 181 1.41 -8.14 1.48
CA ILE A 181 1.29 -8.07 0.03
C ILE A 181 -0.08 -7.54 -0.40
N ASP A 182 -1.11 -7.79 0.41
CA ASP A 182 -2.50 -7.45 0.06
C ASP A 182 -2.75 -5.99 0.41
N LEU A 183 -2.22 -5.10 -0.43
CA LEU A 183 -2.31 -3.67 -0.17
C LEU A 183 -3.74 -3.15 -0.20
N THR A 184 -4.58 -3.73 -1.05
CA THR A 184 -5.97 -3.30 -1.16
C THR A 184 -6.88 -4.01 -0.17
N CYS A 185 -6.35 -4.95 0.61
CA CYS A 185 -7.09 -5.60 1.69
C CYS A 185 -8.39 -6.23 1.20
N ASN A 186 -8.30 -6.98 0.09
CA ASN A 186 -9.47 -7.58 -0.53
C ASN A 186 -9.42 -9.10 -0.60
N ASP A 187 -8.40 -9.73 -0.02
CA ASP A 187 -8.22 -11.19 -0.03
C ASP A 187 -7.88 -11.75 -1.41
N TYR A 188 -7.48 -10.89 -2.33
CA TYR A 188 -6.96 -11.26 -3.64
C TYR A 188 -5.57 -10.66 -3.80
N ILE A 189 -4.79 -11.25 -4.69
CA ILE A 189 -3.48 -10.69 -5.05
C ILE A 189 -3.54 -10.33 -6.54
N SER A 190 -3.41 -9.04 -6.85
CA SER A 190 -3.35 -8.62 -8.24
C SER A 190 -1.92 -8.69 -8.73
N VAL A 191 -1.76 -8.73 -10.06
CA VAL A 191 -0.42 -8.69 -10.64
C VAL A 191 0.28 -7.40 -10.26
N PHE A 192 -0.49 -6.33 -10.02
CA PHE A 192 0.07 -5.05 -9.59
C PHE A 192 0.57 -5.13 -8.15
N GLU A 193 -0.21 -5.75 -7.26
CA GLU A 193 0.26 -5.95 -5.89
C GLU A 193 1.50 -6.85 -5.86
N PHE A 194 1.52 -7.88 -6.70
CA PHE A 194 2.68 -8.78 -6.76
C PHE A 194 3.94 -8.04 -7.23
N ASP A 195 3.80 -7.18 -8.25
CA ASP A 195 4.93 -6.37 -8.68
C ASP A 195 5.49 -5.52 -7.54
N ILE A 196 4.60 -4.84 -6.80
CA ILE A 196 5.04 -3.97 -5.72
C ILE A 196 5.83 -4.74 -4.67
N PHE A 197 5.27 -5.86 -4.19
CA PHE A 197 5.96 -6.67 -3.19
C PHE A 197 7.30 -7.16 -3.71
N THR A 198 7.33 -7.69 -4.93
CA THR A 198 8.58 -8.26 -5.42
C THR A 198 9.61 -7.19 -5.76
N ARG A 199 9.19 -5.96 -6.05
CA ARG A 199 10.17 -4.89 -6.18
C ARG A 199 10.72 -4.47 -4.82
N LEU A 200 9.84 -4.38 -3.81
CA LEU A 200 10.28 -3.95 -2.49
C LEU A 200 11.22 -4.97 -1.85
N PHE A 201 10.98 -6.26 -2.06
CA PHE A 201 11.71 -7.30 -1.35
C PHE A 201 12.64 -8.09 -2.27
N GLN A 202 13.08 -7.48 -3.37
CA GLN A 202 14.03 -8.13 -4.26
C GLN A 202 15.37 -8.29 -3.55
N PRO A 203 16.20 -9.25 -4.00
CA PRO A 203 16.05 -10.14 -5.16
C PRO A 203 15.10 -11.32 -4.95
N TRP A 204 14.49 -11.73 -6.06
CA TRP A 204 13.54 -12.84 -6.04
C TRP A 204 14.16 -14.10 -5.45
N SER A 205 15.45 -14.35 -5.74
CA SER A 205 16.11 -15.57 -5.32
C SER A 205 16.02 -15.78 -3.82
N SER A 206 16.00 -14.70 -3.04
CA SER A 206 15.93 -14.80 -1.59
C SER A 206 14.72 -14.06 -1.02
N LEU A 207 13.64 -13.98 -1.81
CA LEU A 207 12.48 -13.14 -1.53
C LEU A 207 12.02 -13.16 -0.08
N LEU A 208 11.68 -14.35 0.43
CA LEU A 208 11.12 -14.41 1.78
C LEU A 208 12.18 -14.21 2.86
N ARG A 209 13.45 -14.53 2.59
CA ARG A 209 14.50 -14.19 3.54
C ARG A 209 14.63 -12.68 3.66
N ASN A 210 14.52 -11.96 2.52
CA ASN A 210 14.58 -10.50 2.54
C ASN A 210 13.42 -9.92 3.32
N TRP A 211 12.21 -10.40 3.03
CA TRP A 211 11.01 -9.91 3.72
C TRP A 211 11.07 -10.22 5.21
N ASN A 212 11.60 -11.38 5.59
CA ASN A 212 11.71 -11.68 7.02
C ASN A 212 12.69 -10.74 7.72
N SER A 213 13.80 -10.41 7.05
CA SER A 213 14.83 -9.57 7.68
C SER A 213 14.43 -8.10 7.71
N LEU A 214 13.72 -7.62 6.68
CA LEU A 214 13.39 -6.21 6.59
C LEU A 214 12.05 -5.84 7.21
N ALA A 215 11.15 -6.82 7.40
CA ALA A 215 9.80 -6.51 7.87
C ALA A 215 9.34 -7.38 9.03
N VAL A 216 9.61 -8.68 9.01
CA VAL A 216 9.04 -9.56 10.03
C VAL A 216 9.76 -9.42 11.37
N THR A 217 11.09 -9.23 11.35
CA THR A 217 11.87 -9.13 12.57
C THR A 217 12.53 -7.77 12.75
N HIS A 218 12.24 -6.79 11.90
CA HIS A 218 12.92 -5.51 11.96
C HIS A 218 12.06 -4.49 12.69
N PRO A 219 12.50 -3.94 13.82
CA PRO A 219 11.66 -2.97 14.54
C PRO A 219 11.49 -1.65 13.81
N GLY A 220 12.29 -1.40 12.77
CA GLY A 220 12.16 -0.15 12.04
C GLY A 220 11.04 -0.15 11.01
N TYR A 221 10.57 -1.32 10.60
CA TYR A 221 9.56 -1.38 9.55
C TYR A 221 8.20 -0.98 10.09
N MET A 222 7.47 -0.17 9.31
CA MET A 222 6.15 0.32 9.71
C MET A 222 5.13 0.00 8.62
N ALA A 223 4.27 -0.98 8.88
CA ALA A 223 3.26 -1.33 7.89
C ALA A 223 2.14 -0.29 7.86
N PHE A 224 1.68 0.04 6.66
CA PHE A 224 0.52 0.92 6.46
C PHE A 224 0.67 2.24 7.23
N LEU A 225 1.83 2.88 7.08
CA LEU A 225 2.05 4.18 7.69
C LEU A 225 2.22 5.25 6.62
N THR A 226 1.77 6.45 6.93
CA THR A 226 1.85 7.56 5.99
C THR A 226 3.04 8.47 6.33
N TYR A 227 3.35 9.36 5.38
CA TYR A 227 4.39 10.35 5.58
C TYR A 227 4.18 11.12 6.87
N ASP A 228 2.97 11.64 7.08
CA ASP A 228 2.69 12.40 8.29
C ASP A 228 2.75 11.53 9.54
N GLU A 229 2.38 10.26 9.46
CA GLU A 229 2.49 9.40 10.64
C GLU A 229 3.94 9.13 11.00
N VAL A 230 4.82 9.05 10.01
CA VAL A 230 6.23 8.82 10.29
C VAL A 230 6.84 10.03 10.99
N LYS A 231 6.55 11.22 10.48
CA LYS A 231 7.04 12.43 11.14
C LYS A 231 6.52 12.50 12.58
N ALA A 232 5.23 12.20 12.77
CA ALA A 232 4.65 12.26 14.13
C ALA A 232 5.29 11.22 15.05
N ARG A 233 5.58 10.02 14.54
CA ARG A 233 6.11 8.96 15.39
C ARG A 233 7.56 9.25 15.80
N LEU A 234 8.30 9.98 14.95
CA LEU A 234 9.68 10.33 15.26
C LEU A 234 9.81 11.53 16.20
N GLN A 235 8.74 12.30 16.42
CA GLN A 235 8.81 13.47 17.29
C GLN A 235 9.36 13.14 18.67
N LYS A 236 8.93 12.01 19.25
CA LYS A 236 9.40 11.68 20.60
C LYS A 236 10.90 11.43 20.63
N PHE A 237 11.52 11.21 19.46
CA PHE A 237 12.94 10.96 19.36
C PHE A 237 13.72 12.15 18.80
N ILE A 238 13.13 13.35 18.85
CA ILE A 238 13.77 14.55 18.27
C ILE A 238 15.12 14.83 18.91
N HIS A 239 15.30 14.48 20.19
CA HIS A 239 16.59 14.67 20.84
C HIS A 239 17.48 13.43 20.78
N LYS A 240 17.13 12.43 19.96
CA LYS A 240 17.91 11.20 19.80
C LYS A 240 18.28 11.05 18.33
N PRO A 241 19.30 11.77 17.87
CA PRO A 241 19.68 11.68 16.44
C PRO A 241 20.06 10.26 16.07
N GLY A 242 19.67 9.87 14.86
CA GLY A 242 19.89 8.52 14.40
C GLY A 242 18.68 7.62 14.54
N SER A 243 17.64 8.07 15.24
CA SER A 243 16.40 7.31 15.28
C SER A 243 15.76 7.32 13.89
N TYR A 244 15.26 6.17 13.45
CA TYR A 244 14.76 6.06 12.09
C TYR A 244 13.70 4.98 12.01
N ILE A 245 12.82 5.11 11.02
CA ILE A 245 11.84 4.07 10.67
C ILE A 245 11.70 4.08 9.15
N PHE A 246 11.10 3.02 8.61
CA PHE A 246 10.92 2.98 7.15
C PHE A 246 9.62 2.26 6.79
N ARG A 247 9.16 2.50 5.56
CA ARG A 247 7.82 2.07 5.16
C ARG A 247 7.71 2.19 3.64
N LEU A 248 6.59 1.70 3.11
CA LEU A 248 6.28 1.90 1.70
C LEU A 248 5.96 3.37 1.41
N SER A 249 6.60 3.92 0.38
CA SER A 249 6.15 5.19 -0.17
C SER A 249 4.73 5.02 -0.71
N CYS A 250 3.87 5.98 -0.36
CA CYS A 250 2.49 6.03 -0.85
C CYS A 250 2.43 6.51 -2.29
N THR A 251 3.18 7.56 -2.64
CA THR A 251 3.10 8.17 -3.96
C THR A 251 3.99 7.52 -5.00
N ARG A 252 4.95 6.69 -4.59
CA ARG A 252 5.85 5.99 -5.51
C ARG A 252 5.80 4.52 -5.14
N LEU A 253 4.67 3.87 -5.43
CA LEU A 253 4.42 2.52 -4.93
C LEU A 253 5.45 1.56 -5.53
N GLY A 254 6.06 0.76 -4.65
CA GLY A 254 7.17 -0.09 -5.04
C GLY A 254 8.52 0.41 -4.59
N GLN A 255 8.60 1.62 -4.02
CA GLN A 255 9.84 2.18 -3.50
C GLN A 255 9.70 2.43 -1.99
N TRP A 256 10.83 2.44 -1.30
CA TRP A 256 10.88 2.59 0.15
C TRP A 256 11.08 4.05 0.53
N ALA A 257 10.56 4.41 1.70
CA ALA A 257 10.77 5.73 2.28
C ALA A 257 11.30 5.56 3.70
N ILE A 258 12.44 6.19 3.99
CA ILE A 258 13.10 6.10 5.29
C ILE A 258 12.96 7.46 5.95
N GLY A 259 12.43 7.48 7.18
CA GLY A 259 12.39 8.70 7.98
C GLY A 259 13.43 8.64 9.07
N TYR A 260 14.11 9.76 9.33
CA TYR A 260 15.17 9.74 10.34
C TYR A 260 15.32 11.10 11.01
N VAL A 261 15.76 11.07 12.25
CA VAL A 261 16.06 12.27 13.02
C VAL A 261 17.51 12.64 12.79
N THR A 262 17.76 13.88 12.34
CA THR A 262 19.10 14.35 12.08
C THR A 262 19.75 14.87 13.36
N ALA A 263 21.06 15.07 13.30
CA ALA A 263 21.76 15.63 14.46
C ALA A 263 21.50 17.11 14.65
N ASP A 264 20.78 17.77 13.73
CA ASP A 264 20.55 19.21 13.81
C ASP A 264 19.08 19.56 14.06
N GLY A 265 18.28 18.59 14.53
CA GLY A 265 16.94 18.91 14.96
C GLY A 265 15.88 18.82 13.90
N ASN A 266 16.14 18.11 12.81
CA ASN A 266 15.17 17.96 11.73
C ASN A 266 14.76 16.50 11.63
N ILE A 267 13.59 16.29 11.04
CA ILE A 267 13.08 14.95 10.76
C ILE A 267 12.89 14.92 9.25
N LEU A 268 13.68 14.11 8.57
CA LEU A 268 13.71 14.08 7.12
C LEU A 268 13.25 12.73 6.64
N GLN A 269 12.79 12.68 5.39
CA GLN A 269 12.37 11.43 4.78
C GLN A 269 13.00 11.34 3.40
N THR A 270 13.48 10.15 3.06
CA THR A 270 14.22 9.97 1.82
C THR A 270 13.80 8.66 1.16
N ILE A 271 13.92 8.63 -0.16
CA ILE A 271 13.59 7.44 -0.94
C ILE A 271 14.89 6.94 -1.57
N PRO A 272 15.42 5.80 -1.14
CA PRO A 272 16.66 5.30 -1.73
C PRO A 272 16.48 5.03 -3.22
N HIS A 273 17.51 5.37 -4.00
CA HIS A 273 17.53 5.10 -5.44
C HIS A 273 18.78 4.33 -5.82
N ASN A 274 18.65 3.43 -6.79
CA ASN A 274 19.79 2.69 -7.35
C ASN A 274 20.54 1.87 -6.30
N LYS A 275 19.82 1.41 -5.28
CA LYS A 275 20.39 0.52 -4.28
C LYS A 275 19.23 -0.11 -3.54
N PRO A 276 19.39 -1.35 -3.08
CA PRO A 276 18.31 -1.99 -2.33
C PRO A 276 18.25 -1.47 -0.91
N LEU A 277 17.09 -1.64 -0.28
CA LEU A 277 16.89 -1.13 1.06
C LEU A 277 17.94 -1.64 2.04
N PHE A 278 18.31 -2.92 1.95
CA PHE A 278 19.29 -3.46 2.89
C PHE A 278 20.61 -2.69 2.81
N GLN A 279 21.03 -2.30 1.60
CA GLN A 279 22.28 -1.56 1.50
C GLN A 279 22.13 -0.12 1.97
N ALA A 280 20.97 0.48 1.75
CA ALA A 280 20.73 1.81 2.29
C ALA A 280 20.78 1.79 3.81
N LEU A 281 20.27 0.72 4.42
CA LEU A 281 20.25 0.64 5.89
C LEU A 281 21.63 0.36 6.44
N ILE A 282 22.42 -0.48 5.77
CA ILE A 282 23.78 -0.77 6.19
C ILE A 282 24.65 0.47 6.08
N ASP A 283 24.63 1.12 4.92
CA ASP A 283 25.41 2.35 4.72
C ASP A 283 24.97 3.42 5.70
N GLY A 284 23.66 3.55 5.92
CA GLY A 284 23.16 4.56 6.84
C GLY A 284 23.60 4.33 8.27
N PHE A 285 23.73 3.06 8.68
CA PHE A 285 24.25 2.77 10.01
C PHE A 285 25.72 3.12 10.12
N ARG A 286 26.52 2.71 9.14
CA ARG A 286 27.95 2.98 9.18
C ARG A 286 28.25 4.47 9.14
N GLU A 287 27.42 5.25 8.48
CA GLU A 287 27.63 6.69 8.35
C GLU A 287 26.93 7.50 9.45
N GLY A 288 26.23 6.83 10.37
CA GLY A 288 25.70 7.47 11.56
C GLY A 288 24.28 7.97 11.47
N PHE A 289 23.58 7.74 10.37
CA PHE A 289 22.25 8.31 10.18
C PHE A 289 21.12 7.40 10.64
N TYR A 290 21.26 6.08 10.47
CA TYR A 290 20.20 5.14 10.77
C TYR A 290 20.72 4.20 11.86
N LEU A 291 20.65 4.66 13.11
CA LEU A 291 21.23 3.95 14.25
C LEU A 291 20.21 3.25 15.12
N PHE A 292 19.03 3.84 15.30
CA PHE A 292 18.11 3.43 16.36
C PHE A 292 16.74 3.18 15.75
N PRO A 293 16.41 1.93 15.41
CA PRO A 293 15.15 1.66 14.69
C PRO A 293 13.98 1.86 15.63
N ASP A 294 13.04 2.73 15.24
CA ASP A 294 11.93 3.11 16.13
C ASP A 294 12.45 3.60 17.48
N GLY A 295 13.63 4.24 17.48
CA GLY A 295 14.24 4.75 18.69
C GLY A 295 14.89 3.72 19.60
N ARG A 296 14.96 2.45 19.18
CA ARG A 296 15.54 1.43 20.03
C ARG A 296 17.06 1.43 19.95
N ASN A 297 17.70 1.07 21.07
CA ASN A 297 19.15 1.18 21.15
C ASN A 297 19.86 0.15 20.28
N GLN A 298 19.26 -1.02 20.06
CA GLN A 298 19.88 -2.09 19.29
C GLN A 298 19.35 -2.05 17.85
N ASN A 299 20.27 -2.12 16.89
CA ASN A 299 19.92 -2.13 15.47
C ASN A 299 20.18 -3.51 14.89
N PRO A 300 19.25 -4.06 14.08
CA PRO A 300 19.49 -5.38 13.47
C PRO A 300 20.76 -5.40 12.64
N ASP A 301 21.43 -6.55 12.64
CA ASP A 301 22.64 -6.76 11.86
C ASP A 301 22.24 -7.33 10.51
N LEU A 302 22.22 -6.48 9.48
CA LEU A 302 21.85 -6.91 8.14
C LEU A 302 23.05 -7.30 7.29
N THR A 303 24.28 -7.01 7.74
CA THR A 303 25.49 -7.47 7.06
C THR A 303 25.63 -8.97 7.33
N GLY A 304 24.85 -9.76 6.60
CA GLY A 304 24.85 -11.20 6.77
C GLY A 304 24.15 -11.95 5.66
C ACE B 1 9.70 15.14 1.49
O ACE B 1 10.23 14.95 2.59
CH3 ACE B 1 8.47 15.97 1.27
N PTR B 2 10.19 14.63 0.24
CA PTR B 2 11.34 13.75 0.27
C PTR B 2 12.61 14.51 -0.09
O PTR B 2 12.59 15.41 -0.95
CB PTR B 2 11.08 12.58 -0.68
CG PTR B 2 9.86 11.76 -0.27
CD1 PTR B 2 9.86 11.02 0.90
CD2 PTR B 2 8.71 11.74 -1.05
CE1 PTR B 2 8.77 10.27 1.28
CE2 PTR B 2 7.60 10.97 -0.68
CZ PTR B 2 7.63 10.25 0.50
OH PTR B 2 6.61 9.51 0.90
P PTR B 2 5.14 9.43 0.24
O1P PTR B 2 4.46 10.74 0.23
O2P PTR B 2 4.30 8.50 1.15
O3P PTR B 2 5.30 8.87 -1.20
N THR B 3 13.71 14.16 0.56
CA THR B 3 14.98 14.86 0.38
C THR B 3 16.05 13.84 -0.01
N PRO B 4 17.20 14.32 -0.54
CA PRO B 4 18.24 13.38 -0.97
C PRO B 4 18.80 12.57 0.19
N GLU B 5 19.33 11.40 -0.14
CA GLU B 5 19.81 10.48 0.87
C GLU B 5 20.94 11.12 1.67
N PRO B 6 21.01 10.89 2.98
CA PRO B 6 22.09 11.45 3.80
C PRO B 6 23.41 10.77 3.47
N NH2 B 7 24.52 11.49 3.60
MG MG C . -5.30 -7.46 -2.78
#